data_9B2Q
#
_entry.id   9B2Q
#
_cell.length_a   63.746
_cell.length_b   95.653
_cell.length_c   124.497
_cell.angle_alpha   90.000
_cell.angle_beta   90.000
_cell.angle_gamma   90.000
#
_symmetry.space_group_name_H-M   'I 2 2 2'
#
loop_
_entity.id
_entity.type
_entity.pdbx_description
1 polymer 'Pantoate--beta-alanine ligase'
2 non-polymer DI(HYDROXYETHYL)ETHER
3 non-polymer '4-(2-HYDROXYETHYL)-1-PIPERAZINE ETHANESULFONIC ACID'
4 non-polymer (4S)-2-METHYL-2,4-PENTANEDIOL
5 non-polymer 'SULFATE ION'
6 water water
#
_entity_poly.entity_id   1
_entity_poly.type   'polypeptide(L)'
_entity_poly.pdbx_seq_one_letter_code
;HHHHHHSSGLVPRGSHNTIKILRTVQQVRQWRAQCFLRNESVGFVPTMGALHAGHCSLINQSIKENDKTVVSIFVNPSQF
APHEDLDNYPRTLDHDLQILQTNNNNNNNNKIVDAVFVPKVSEMYPSGISLDIGKQRGAFVTVHGSSEQLEGITRPQFFR
GVATVVTKLLNIVQPTNIYFGQKDAQQCVVIQNLVKDLIINTNVRIMPTLRESNGLAMSSRNQYLSQEMKDKSSLIYQGL
KTGENYYLNHSKDSGDKVSANEILQQIKPIISSDPDFDIEYIAVSHPETLEDLDYVVPGTGAIVSTAVKVPKENSDEKAR
LIDNIILH
;
_entity_poly.pdbx_strand_id   A
#
loop_
_chem_comp.id
_chem_comp.type
_chem_comp.name
_chem_comp.formula
EPE non-polymer '4-(2-HYDROXYETHYL)-1-PIPERAZINE ETHANESULFONIC ACID' 'C8 H18 N2 O4 S'
MPD non-polymer (4S)-2-METHYL-2,4-PENTANEDIOL 'C6 H14 O2'
PEG non-polymer DI(HYDROXYETHYL)ETHER 'C4 H10 O3'
SO4 non-polymer 'SULFATE ION' 'O4 S -2'
#
# COMPACT_ATOMS: atom_id res chain seq x y z
N ASN A 17 9.56 9.19 -24.96
CA ASN A 17 8.37 9.14 -25.80
C ASN A 17 7.57 7.87 -25.52
N THR A 18 8.27 6.77 -25.36
CA THR A 18 7.66 5.48 -25.02
C THR A 18 8.34 4.94 -23.76
N ILE A 19 7.70 3.95 -23.15
CA ILE A 19 8.12 3.43 -21.85
C ILE A 19 9.21 2.38 -22.04
N LYS A 20 10.35 2.58 -21.37
CA LYS A 20 11.41 1.58 -21.39
C LYS A 20 11.09 0.49 -20.38
N ILE A 21 11.11 -0.76 -20.84
CA ILE A 21 10.95 -1.91 -19.95
C ILE A 21 12.34 -2.37 -19.54
N LEU A 22 12.64 -2.24 -18.24
CA LEU A 22 13.92 -2.64 -17.68
C LEU A 22 13.74 -4.00 -17.00
N ARG A 23 14.54 -4.98 -17.39
CA ARG A 23 14.42 -6.35 -16.86
C ARG A 23 15.45 -6.67 -15.77
N THR A 24 16.61 -6.02 -15.77
CA THR A 24 17.70 -6.40 -14.88
C THR A 24 18.13 -5.24 -13.98
N VAL A 25 18.80 -5.58 -12.88
CA VAL A 25 19.34 -4.53 -12.00
C VAL A 25 20.29 -3.62 -12.77
N GLN A 26 21.14 -4.21 -13.61
CA GLN A 26 22.13 -3.39 -14.32
C GLN A 26 21.46 -2.44 -15.30
N GLN A 27 20.38 -2.88 -15.95
CA GLN A 27 19.63 -1.96 -16.81
C GLN A 27 19.08 -0.79 -16.02
N VAL A 28 18.55 -1.05 -14.82
CA VAL A 28 18.07 0.05 -13.98
C VAL A 28 19.24 0.93 -13.56
N ARG A 29 20.37 0.33 -13.18
CA ARG A 29 21.53 1.13 -12.80
C ARG A 29 21.93 2.07 -13.93
N GLN A 30 21.97 1.56 -15.17
CA GLN A 30 22.32 2.40 -16.32
C GLN A 30 21.28 3.50 -16.52
N TRP A 31 20.00 3.14 -16.48
CA TRP A 31 18.93 4.14 -16.59
C TRP A 31 19.04 5.20 -15.49
N ARG A 32 19.23 4.75 -14.24
CA ARG A 32 19.35 5.69 -13.12
C ARG A 32 20.63 6.51 -13.21
N ALA A 33 21.70 5.93 -13.75
CA ALA A 33 22.94 6.69 -13.87
C ALA A 33 22.78 7.83 -14.87
N GLN A 34 21.95 7.63 -15.89
CA GLN A 34 21.68 8.70 -16.86
C GLN A 34 20.82 9.78 -16.22
N CYS A 35 19.90 9.40 -15.34
CA CYS A 35 19.17 10.39 -14.55
C CYS A 35 20.13 11.19 -13.65
N PHE A 36 21.08 10.50 -13.00
CA PHE A 36 22.09 11.19 -12.20
C PHE A 36 22.86 12.19 -13.06
N LEU A 37 23.30 11.77 -14.25
CA LEU A 37 24.10 12.64 -15.11
C LEU A 37 23.29 13.86 -15.54
N ARG A 38 21.99 13.68 -15.76
N ARG A 38 21.99 13.69 -15.75
CA ARG A 38 21.10 14.76 -16.18
CA ARG A 38 21.09 14.75 -16.18
C ARG A 38 20.60 15.62 -15.02
C ARG A 38 20.58 15.59 -15.02
N ASN A 39 21.01 15.29 -13.79
CA ASN A 39 20.58 16.01 -12.58
C ASN A 39 19.05 15.97 -12.38
N GLU A 40 18.44 14.84 -12.76
CA GLU A 40 17.00 14.67 -12.71
C GLU A 40 16.55 14.04 -11.40
N SER A 41 15.54 14.62 -10.76
CA SER A 41 14.88 13.92 -9.66
C SER A 41 14.11 12.72 -10.19
N VAL A 42 13.92 11.72 -9.33
CA VAL A 42 13.39 10.42 -9.72
C VAL A 42 12.31 10.00 -8.72
N GLY A 43 11.08 9.89 -9.20
CA GLY A 43 9.99 9.35 -8.40
C GLY A 43 9.81 7.87 -8.70
N PHE A 44 9.34 7.11 -7.70
CA PHE A 44 9.30 5.64 -7.79
C PHE A 44 7.99 5.12 -7.20
N VAL A 45 7.24 4.35 -7.99
CA VAL A 45 6.00 3.72 -7.55
C VAL A 45 6.19 2.21 -7.59
N PRO A 46 6.42 1.56 -6.45
CA PRO A 46 6.51 0.09 -6.43
C PRO A 46 5.14 -0.58 -6.40
N THR A 47 5.00 -1.64 -7.20
CA THR A 47 3.73 -2.36 -7.31
C THR A 47 4.03 -3.85 -7.48
N MET A 48 2.99 -4.66 -7.28
CA MET A 48 3.03 -6.07 -7.63
C MET A 48 2.20 -6.35 -8.88
N GLY A 49 2.04 -5.36 -9.75
CA GLY A 49 1.25 -5.55 -10.95
C GLY A 49 -0.24 -5.49 -10.67
N ALA A 50 -1.03 -5.91 -11.65
CA ALA A 50 -2.49 -5.83 -11.60
C ALA A 50 -2.93 -4.39 -11.31
N LEU A 51 -2.43 -3.48 -12.13
CA LEU A 51 -2.57 -2.05 -11.86
C LEU A 51 -4.00 -1.58 -12.05
N HIS A 52 -4.37 -0.54 -11.29
CA HIS A 52 -5.71 0.03 -11.38
C HIS A 52 -5.59 1.54 -11.14
N ALA A 53 -6.74 2.22 -11.06
CA ALA A 53 -6.74 3.69 -10.96
C ALA A 53 -5.98 4.17 -9.73
N GLY A 54 -6.00 3.41 -8.64
CA GLY A 54 -5.23 3.78 -7.47
C GLY A 54 -3.74 3.94 -7.78
N HIS A 55 -3.17 2.98 -8.50
CA HIS A 55 -1.77 3.10 -8.90
C HIS A 55 -1.54 4.33 -9.77
N CYS A 56 -2.49 4.63 -10.65
CA CYS A 56 -2.33 5.80 -11.52
C CYS A 56 -2.33 7.10 -10.71
N SER A 57 -3.07 7.14 -9.61
CA SER A 57 -3.03 8.33 -8.74
C SER A 57 -1.62 8.55 -8.18
N LEU A 58 -0.97 7.47 -7.72
CA LEU A 58 0.42 7.58 -7.26
C LEU A 58 1.34 8.04 -8.39
N ILE A 59 1.23 7.37 -9.54
CA ILE A 59 2.07 7.69 -10.69
C ILE A 59 1.90 9.15 -11.10
N ASN A 60 0.66 9.63 -11.14
CA ASN A 60 0.45 11.01 -11.55
C ASN A 60 1.06 11.98 -10.55
N GLN A 61 1.07 11.63 -9.26
CA GLN A 61 1.75 12.48 -8.29
C GLN A 61 3.26 12.46 -8.50
N SER A 62 3.82 11.27 -8.77
CA SER A 62 5.25 11.17 -9.03
C SER A 62 5.65 12.05 -10.23
N ILE A 63 4.82 12.06 -11.27
CA ILE A 63 5.12 12.87 -12.45
C ILE A 63 5.05 14.37 -12.13
N LYS A 64 4.11 14.76 -11.28
CA LYS A 64 4.04 16.18 -10.89
C LYS A 64 5.29 16.62 -10.12
N GLU A 65 5.88 15.71 -9.33
CA GLU A 65 6.91 16.09 -8.36
C GLU A 65 8.33 15.78 -8.81
N ASN A 66 8.53 15.01 -9.89
CA ASN A 66 9.86 14.56 -10.27
C ASN A 66 10.07 14.71 -11.77
N ASP A 67 11.35 14.91 -12.15
CA ASP A 67 11.71 14.98 -13.57
C ASP A 67 11.46 13.65 -14.27
N LYS A 68 11.72 12.53 -13.59
CA LYS A 68 11.59 11.19 -14.17
C LYS A 68 10.84 10.31 -13.18
N THR A 69 10.10 9.32 -13.70
CA THR A 69 9.29 8.42 -12.88
C THR A 69 9.47 6.98 -13.36
N VAL A 70 9.64 6.06 -12.42
CA VAL A 70 9.76 4.64 -12.72
C VAL A 70 8.79 3.85 -11.85
N VAL A 71 8.21 2.80 -12.42
CA VAL A 71 7.29 1.89 -11.76
C VAL A 71 7.93 0.52 -11.73
N SER A 72 7.79 -0.20 -10.61
CA SER A 72 8.19 -1.61 -10.60
C SER A 72 6.96 -2.50 -10.54
N ILE A 73 7.07 -3.66 -11.17
CA ILE A 73 6.05 -4.69 -11.17
C ILE A 73 6.78 -5.96 -10.75
N PHE A 74 6.56 -6.39 -9.51
CA PHE A 74 7.24 -7.57 -8.98
C PHE A 74 6.37 -8.24 -7.92
N VAL A 75 5.95 -9.46 -8.17
CA VAL A 75 5.24 -10.22 -7.13
C VAL A 75 6.30 -10.80 -6.21
N ASN A 76 6.42 -10.22 -5.00
CA ASN A 76 7.48 -10.53 -4.04
C ASN A 76 7.19 -11.81 -3.25
N PRO A 77 7.93 -12.90 -3.50
CA PRO A 77 7.64 -14.16 -2.76
C PRO A 77 7.75 -14.03 -1.24
N SER A 78 8.67 -13.21 -0.72
CA SER A 78 8.94 -13.31 0.72
C SER A 78 7.83 -12.73 1.59
N GLN A 79 6.85 -12.04 1.03
CA GLN A 79 5.73 -11.65 1.88
C GLN A 79 4.62 -12.70 1.92
N PHE A 80 4.74 -13.80 1.19
CA PHE A 80 3.73 -14.86 1.23
C PHE A 80 4.16 -15.96 2.21
N ALA A 81 3.15 -16.64 2.79
CA ALA A 81 3.34 -17.75 3.71
C ALA A 81 3.27 -19.07 2.95
N PRO A 82 3.92 -20.13 3.47
CA PRO A 82 3.96 -21.40 2.72
C PRO A 82 2.61 -21.98 2.40
N HIS A 83 1.58 -21.75 3.22
CA HIS A 83 0.30 -22.36 2.90
C HIS A 83 -0.37 -21.66 1.72
N GLU A 84 0.17 -20.54 1.25
CA GLU A 84 -0.41 -19.83 0.12
C GLU A 84 0.22 -20.33 -1.17
N ASP A 85 -0.63 -20.60 -2.18
CA ASP A 85 -0.15 -21.08 -3.47
C ASP A 85 0.17 -19.86 -4.33
N LEU A 86 1.42 -19.40 -4.22
CA LEU A 86 1.88 -18.22 -4.94
C LEU A 86 1.79 -18.39 -6.45
N ASP A 87 1.66 -19.62 -6.94
CA ASP A 87 1.65 -19.88 -8.38
C ASP A 87 0.38 -19.38 -9.07
N ASN A 88 -0.70 -19.12 -8.33
CA ASN A 88 -1.92 -18.61 -8.94
C ASN A 88 -2.12 -17.12 -8.72
N TYR A 89 -1.10 -16.40 -8.26
CA TYR A 89 -1.18 -14.95 -8.25
C TYR A 89 -1.25 -14.49 -9.71
N PRO A 90 -2.16 -13.57 -10.06
CA PRO A 90 -2.36 -13.25 -11.48
C PRO A 90 -1.20 -12.43 -12.04
N ARG A 91 -0.65 -12.90 -13.15
CA ARG A 91 0.34 -12.17 -13.92
C ARG A 91 -0.38 -11.47 -15.07
N THR A 92 -0.29 -10.14 -15.11
CA THR A 92 -1.07 -9.33 -16.05
C THR A 92 -0.21 -8.24 -16.69
N LEU A 93 1.01 -8.60 -17.12
CA LEU A 93 1.96 -7.59 -17.59
C LEU A 93 1.43 -6.83 -18.79
N ASP A 94 0.85 -7.53 -19.77
CA ASP A 94 0.36 -6.81 -20.94
C ASP A 94 -0.75 -5.84 -20.55
N HIS A 95 -1.62 -6.26 -19.62
CA HIS A 95 -2.65 -5.37 -19.10
C HIS A 95 -2.02 -4.17 -18.39
N ASP A 96 -1.02 -4.42 -17.56
CA ASP A 96 -0.40 -3.34 -16.79
C ASP A 96 0.27 -2.34 -17.72
N LEU A 97 0.95 -2.82 -18.76
CA LEU A 97 1.53 -1.92 -19.74
C LEU A 97 0.47 -1.04 -20.38
N GLN A 98 -0.74 -1.59 -20.59
CA GLN A 98 -1.82 -0.81 -21.18
C GLN A 98 -2.28 0.30 -20.25
N ILE A 99 -2.51 -0.03 -18.97
CA ILE A 99 -2.79 0.98 -17.96
C ILE A 99 -1.78 2.12 -18.05
N LEU A 100 -0.49 1.76 -18.05
CA LEU A 100 0.57 2.76 -18.04
C LEU A 100 0.57 3.60 -19.30
N GLN A 101 0.22 3.01 -20.43
CA GLN A 101 0.13 3.77 -21.68
C GLN A 101 -1.11 4.66 -21.70
N THR A 102 -2.25 4.12 -21.28
CA THR A 102 -3.49 4.91 -21.27
C THR A 102 -3.41 6.07 -20.29
N ASN A 103 -2.81 5.87 -19.12
CA ASN A 103 -2.62 6.98 -18.21
C ASN A 103 -1.67 8.01 -18.82
N ASN A 104 -0.69 7.56 -19.62
CA ASN A 104 0.25 8.49 -20.23
C ASN A 104 -0.40 9.34 -21.32
N ASN A 105 -1.39 8.79 -22.03
CA ASN A 105 -2.20 9.60 -22.93
C ASN A 105 -2.82 10.78 -22.20
N ASN A 106 -3.14 10.60 -20.92
CA ASN A 106 -3.69 11.64 -20.06
C ASN A 106 -2.61 12.48 -19.38
N ASN A 107 -1.37 12.43 -19.87
CA ASN A 107 -0.33 13.38 -19.47
C ASN A 107 0.81 13.41 -20.48
N LYS A 111 5.17 15.13 -19.16
CA LYS A 111 5.99 13.94 -18.88
C LYS A 111 5.11 12.71 -18.77
N ILE A 112 5.75 11.53 -18.73
CA ILE A 112 5.09 10.23 -18.78
C ILE A 112 5.70 9.35 -17.69
N VAL A 113 5.25 8.09 -17.64
CA VAL A 113 6.06 7.08 -16.97
C VAL A 113 7.24 6.76 -17.88
N ASP A 114 8.45 6.99 -17.38
CA ASP A 114 9.62 6.82 -18.23
C ASP A 114 10.07 5.37 -18.34
N ALA A 115 9.96 4.58 -17.27
CA ALA A 115 10.49 3.25 -17.26
C ALA A 115 9.65 2.36 -16.35
N VAL A 116 9.56 1.08 -16.68
CA VAL A 116 8.93 0.10 -15.81
C VAL A 116 9.91 -1.06 -15.61
N PHE A 117 10.13 -1.43 -14.34
CA PHE A 117 11.12 -2.42 -13.94
C PHE A 117 10.39 -3.72 -13.61
N VAL A 118 10.69 -4.78 -14.36
CA VAL A 118 9.97 -6.05 -14.22
C VAL A 118 10.99 -7.16 -14.06
N PRO A 119 11.54 -7.35 -12.86
CA PRO A 119 12.61 -8.33 -12.67
C PRO A 119 12.10 -9.76 -12.45
N LYS A 120 13.00 -10.69 -12.72
CA LYS A 120 12.84 -12.06 -12.29
C LYS A 120 13.16 -12.17 -10.79
N VAL A 121 12.60 -13.23 -10.17
CA VAL A 121 12.85 -13.48 -8.76
C VAL A 121 14.35 -13.57 -8.48
N SER A 122 15.09 -14.27 -9.34
CA SER A 122 16.52 -14.48 -9.13
C SER A 122 17.32 -13.19 -9.15
N GLU A 123 16.82 -12.15 -9.81
CA GLU A 123 17.50 -10.86 -9.79
C GLU A 123 17.28 -10.15 -8.47
N MET A 124 16.09 -10.30 -7.89
CA MET A 124 15.77 -9.67 -6.61
C MET A 124 16.27 -10.48 -5.42
N TYR A 125 16.45 -11.79 -5.57
CA TYR A 125 16.91 -12.69 -4.51
C TYR A 125 18.11 -13.47 -5.05
N PRO A 126 19.28 -12.82 -5.20
CA PRO A 126 20.42 -13.53 -5.78
C PRO A 126 20.92 -14.68 -4.95
N SER A 127 20.62 -14.73 -3.65
CA SER A 127 21.00 -15.87 -2.82
C SER A 127 19.86 -16.88 -2.68
N GLY A 128 18.78 -16.70 -3.43
CA GLY A 128 17.66 -17.63 -3.39
C GLY A 128 16.57 -17.18 -2.42
N ILE A 129 15.38 -17.78 -2.59
CA ILE A 129 14.26 -17.43 -1.72
C ILE A 129 13.39 -18.66 -1.55
N SER A 130 12.89 -18.83 -0.33
CA SER A 130 11.93 -19.87 0.01
C SER A 130 10.81 -19.23 0.82
N LEU A 131 9.59 -19.78 0.69
CA LEU A 131 8.52 -19.38 1.60
C LEU A 131 8.69 -19.99 2.99
N ASP A 132 9.49 -21.04 3.10
CA ASP A 132 9.81 -21.72 4.36
C ASP A 132 10.90 -20.91 5.04
N ILE A 133 10.51 -20.15 6.08
CA ILE A 133 11.44 -19.24 6.76
C ILE A 133 12.64 -19.98 7.31
N GLY A 134 12.45 -21.23 7.76
CA GLY A 134 13.56 -22.06 8.21
C GLY A 134 14.58 -22.40 7.14
N LYS A 135 14.25 -22.17 5.87
CA LYS A 135 15.18 -22.44 4.79
C LYS A 135 15.74 -21.17 4.18
N GLN A 136 15.37 -20.02 4.71
CA GLN A 136 15.74 -18.77 4.05
C GLN A 136 17.21 -18.47 4.30
N ARG A 137 17.81 -17.77 3.35
CA ARG A 137 19.22 -17.44 3.39
C ARG A 137 19.39 -16.04 2.82
N GLY A 138 20.27 -15.27 3.44
CA GLY A 138 20.64 -13.96 2.95
C GLY A 138 20.11 -12.84 3.82
N ALA A 139 20.25 -11.60 3.31
CA ALA A 139 19.86 -10.44 4.08
C ALA A 139 18.35 -10.23 4.06
N PHE A 140 17.76 -10.11 5.25
CA PHE A 140 16.36 -9.75 5.42
C PHE A 140 16.24 -8.61 6.42
N VAL A 141 15.22 -7.78 6.25
CA VAL A 141 15.00 -6.61 7.09
C VAL A 141 13.68 -6.80 7.83
N THR A 142 13.71 -6.59 9.16
CA THR A 142 12.48 -6.57 9.96
C THR A 142 12.36 -5.25 10.67
N VAL A 143 11.20 -4.61 10.56
CA VAL A 143 10.91 -3.38 11.30
C VAL A 143 10.17 -3.83 12.55
N HIS A 144 10.93 -4.13 13.59
CA HIS A 144 10.35 -4.62 14.83
C HIS A 144 9.49 -3.54 15.48
N GLY A 145 8.31 -3.95 16.01
CA GLY A 145 7.41 -3.03 16.64
C GLY A 145 6.35 -2.45 15.73
N SER A 146 6.51 -2.56 14.42
CA SER A 146 5.53 -2.09 13.44
C SER A 146 4.92 -3.23 12.64
N SER A 147 5.34 -4.48 12.91
CA SER A 147 5.09 -5.59 12.00
C SER A 147 4.20 -6.68 12.58
N GLU A 148 3.94 -6.64 13.88
CA GLU A 148 3.32 -7.76 14.59
C GLU A 148 1.85 -7.55 14.90
N GLN A 149 1.35 -6.31 14.89
CA GLN A 149 -0.01 -6.02 15.29
C GLN A 149 -0.88 -5.89 14.06
N LEU A 150 -2.19 -5.71 14.28
CA LEU A 150 -3.11 -5.39 13.19
C LEU A 150 -3.01 -6.38 12.04
N GLU A 151 -2.63 -5.90 10.85
CA GLU A 151 -2.56 -6.80 9.68
C GLU A 151 -1.54 -7.91 9.86
N GLY A 152 -0.56 -7.71 10.74
CA GLY A 152 0.45 -8.73 10.97
C GLY A 152 0.00 -9.90 11.82
N ILE A 153 -1.18 -9.80 12.45
CA ILE A 153 -1.65 -10.92 13.29
C ILE A 153 -1.95 -12.13 12.43
N THR A 154 -2.78 -11.97 11.38
CA THR A 154 -3.04 -13.10 10.49
C THR A 154 -1.88 -13.38 9.54
N ARG A 155 -0.99 -12.41 9.31
CA ARG A 155 0.16 -12.59 8.42
C ARG A 155 1.44 -12.15 9.13
N PRO A 156 1.93 -12.97 10.08
CA PRO A 156 3.11 -12.55 10.87
C PRO A 156 4.40 -12.46 10.07
N GLN A 157 4.48 -13.08 8.90
CA GLN A 157 5.65 -13.02 8.04
C GLN A 157 5.61 -11.83 7.07
N PHE A 158 4.46 -11.16 6.94
CA PHE A 158 4.20 -10.28 5.81
C PHE A 158 5.11 -9.06 5.79
N PHE A 159 5.16 -8.31 6.89
CA PHE A 159 5.86 -7.03 6.81
C PHE A 159 7.37 -7.16 6.80
N ARG A 160 7.92 -8.28 7.28
CA ARG A 160 9.33 -8.56 7.02
C ARG A 160 9.58 -8.75 5.52
N GLY A 161 8.68 -9.47 4.85
CA GLY A 161 8.79 -9.59 3.40
C GLY A 161 8.73 -8.23 2.71
N VAL A 162 7.76 -7.40 3.11
CA VAL A 162 7.61 -6.08 2.52
C VAL A 162 8.85 -5.22 2.76
N ALA A 163 9.30 -5.14 4.01
CA ALA A 163 10.45 -4.29 4.32
C ALA A 163 11.70 -4.75 3.59
N THR A 164 11.86 -6.07 3.46
CA THR A 164 13.01 -6.61 2.74
C THR A 164 12.97 -6.23 1.27
N VAL A 165 11.82 -6.40 0.61
CA VAL A 165 11.83 -6.10 -0.83
C VAL A 165 11.86 -4.60 -1.09
N VAL A 166 11.22 -3.78 -0.24
CA VAL A 166 11.29 -2.33 -0.47
C VAL A 166 12.72 -1.82 -0.25
N THR A 167 13.44 -2.41 0.70
CA THR A 167 14.86 -2.05 0.87
C THR A 167 15.64 -2.34 -0.41
N LYS A 168 15.46 -3.54 -0.98
CA LYS A 168 16.14 -3.88 -2.22
C LYS A 168 15.78 -2.91 -3.35
N LEU A 169 14.47 -2.65 -3.54
CA LEU A 169 14.03 -1.74 -4.60
C LEU A 169 14.59 -0.34 -4.40
N LEU A 170 14.58 0.17 -3.16
CA LEU A 170 15.16 1.49 -2.92
C LEU A 170 16.65 1.54 -3.26
N ASN A 171 17.37 0.44 -3.04
CA ASN A 171 18.80 0.39 -3.35
C ASN A 171 19.06 0.26 -4.85
N ILE A 172 18.13 -0.34 -5.61
CA ILE A 172 18.24 -0.44 -7.06
C ILE A 172 17.92 0.90 -7.71
N VAL A 173 16.76 1.48 -7.36
CA VAL A 173 16.26 2.67 -8.06
C VAL A 173 16.89 3.96 -7.52
N GLN A 174 17.23 3.98 -6.24
CA GLN A 174 17.75 5.16 -5.58
C GLN A 174 16.91 6.40 -5.90
N PRO A 175 15.62 6.39 -5.56
CA PRO A 175 14.75 7.50 -5.94
C PRO A 175 14.87 8.68 -4.99
N THR A 176 14.49 9.84 -5.53
CA THR A 176 14.29 11.03 -4.72
C THR A 176 13.05 10.91 -3.84
N ASN A 177 11.99 10.31 -4.39
CA ASN A 177 10.72 10.16 -3.71
C ASN A 177 10.17 8.77 -4.03
N ILE A 178 9.55 8.13 -3.03
CA ILE A 178 8.87 6.86 -3.24
C ILE A 178 7.43 7.00 -2.75
N TYR A 179 6.47 6.42 -3.51
CA TYR A 179 5.05 6.71 -3.34
C TYR A 179 4.27 5.47 -2.87
N PHE A 180 3.42 5.68 -1.87
CA PHE A 180 2.53 4.64 -1.35
C PHE A 180 1.16 5.23 -1.07
N GLY A 181 0.13 4.38 -1.16
CA GLY A 181 -1.24 4.79 -0.88
C GLY A 181 -1.63 4.56 0.58
N GLN A 182 -2.38 5.51 1.12
CA GLN A 182 -2.76 5.47 2.53
C GLN A 182 -3.61 4.26 2.91
N LYS A 183 -4.30 3.63 1.96
CA LYS A 183 -5.23 2.54 2.31
C LYS A 183 -4.54 1.42 3.09
N ASP A 184 -3.27 1.14 2.78
CA ASP A 184 -2.48 0.16 3.54
C ASP A 184 -1.71 0.88 4.64
N ALA A 185 -2.47 1.30 5.67
CA ALA A 185 -1.91 2.25 6.64
C ALA A 185 -0.72 1.67 7.40
N GLN A 186 -0.84 0.42 7.87
CA GLN A 186 0.27 -0.20 8.58
C GLN A 186 1.48 -0.34 7.67
N GLN A 187 1.25 -0.74 6.43
CA GLN A 187 2.34 -0.84 5.47
C GLN A 187 3.06 0.50 5.35
N CYS A 188 2.31 1.61 5.27
CA CYS A 188 2.94 2.92 5.17
C CYS A 188 3.79 3.23 6.41
N VAL A 189 3.30 2.86 7.59
CA VAL A 189 4.07 3.10 8.82
C VAL A 189 5.35 2.26 8.81
N VAL A 190 5.25 0.99 8.39
CA VAL A 190 6.43 0.13 8.28
C VAL A 190 7.48 0.79 7.37
N ILE A 191 7.05 1.33 6.22
CA ILE A 191 8.02 1.94 5.29
C ILE A 191 8.57 3.26 5.85
N GLN A 192 7.74 4.05 6.52
CA GLN A 192 8.25 5.30 7.10
C GLN A 192 9.33 5.00 8.15
N ASN A 193 9.11 3.99 8.97
CA ASN A 193 10.07 3.60 9.99
C ASN A 193 11.29 2.91 9.38
N LEU A 194 11.09 2.14 8.31
CA LEU A 194 12.20 1.59 7.55
C LEU A 194 13.16 2.70 7.09
N VAL A 195 12.60 3.72 6.44
CA VAL A 195 13.44 4.79 5.91
C VAL A 195 14.04 5.62 7.05
N LYS A 196 13.28 5.86 8.12
CA LYS A 196 13.82 6.55 9.28
C LYS A 196 14.97 5.77 9.91
N ASP A 197 14.77 4.46 10.13
CA ASP A 197 15.71 3.68 10.94
C ASP A 197 16.94 3.25 10.15
N LEU A 198 16.79 2.93 8.87
CA LEU A 198 17.95 2.63 8.04
C LEU A 198 18.56 3.90 7.46
N ILE A 199 17.97 5.06 7.78
CA ILE A 199 18.51 6.39 7.49
C ILE A 199 18.70 6.54 5.98
N ILE A 200 17.65 6.21 5.22
CA ILE A 200 17.69 6.19 3.76
C ILE A 200 17.41 7.58 3.20
N ASN A 201 18.20 7.98 2.19
CA ASN A 201 18.12 9.31 1.57
C ASN A 201 17.03 9.37 0.48
N THR A 202 15.78 9.20 0.90
CA THR A 202 14.60 9.30 0.05
C THR A 202 13.45 9.88 0.87
N ASN A 203 12.53 10.58 0.22
CA ASN A 203 11.28 11.00 0.85
C ASN A 203 10.21 9.93 0.63
N VAL A 204 9.52 9.54 1.72
CA VAL A 204 8.36 8.65 1.62
C VAL A 204 7.12 9.52 1.46
N ARG A 205 6.42 9.37 0.33
CA ARG A 205 5.25 10.19 0.01
C ARG A 205 4.00 9.32 0.12
N ILE A 206 3.17 9.59 1.12
CA ILE A 206 1.92 8.84 1.35
C ILE A 206 0.77 9.62 0.73
N MET A 207 0.10 9.01 -0.24
CA MET A 207 -0.99 9.69 -0.92
CA MET A 207 -1.00 9.68 -0.93
C MET A 207 -2.35 9.26 -0.38
N PRO A 208 -3.29 10.19 -0.24
CA PRO A 208 -4.63 9.80 0.20
C PRO A 208 -5.20 8.72 -0.70
N THR A 209 -5.99 7.84 -0.09
CA THR A 209 -6.60 6.74 -0.83
C THR A 209 -7.53 7.25 -1.91
N LEU A 210 -7.39 6.73 -3.13
CA LEU A 210 -8.33 7.02 -4.20
C LEU A 210 -9.58 6.17 -4.02
N ARG A 211 -10.76 6.78 -4.21
CA ARG A 211 -12.01 6.12 -3.90
C ARG A 211 -12.95 6.14 -5.09
N GLU A 212 -13.78 5.10 -5.20
CA GLU A 212 -14.91 5.15 -6.10
C GLU A 212 -15.82 6.31 -5.71
N SER A 213 -16.75 6.63 -6.61
CA SER A 213 -17.72 7.70 -6.36
C SER A 213 -18.44 7.51 -5.03
N ASN A 214 -18.80 6.26 -4.70
CA ASN A 214 -19.56 6.04 -3.47
C ASN A 214 -18.67 5.97 -2.22
N GLY A 215 -17.35 6.14 -2.36
CA GLY A 215 -16.44 6.17 -1.23
C GLY A 215 -15.65 4.89 -1.02
N LEU A 216 -15.99 3.82 -1.73
CA LEU A 216 -15.26 2.56 -1.61
C LEU A 216 -13.81 2.75 -2.03
N ALA A 217 -12.89 2.36 -1.14
CA ALA A 217 -11.48 2.40 -1.45
C ALA A 217 -11.17 1.58 -2.69
N MET A 218 -10.35 2.15 -3.57
CA MET A 218 -9.94 1.45 -4.78
C MET A 218 -9.18 0.17 -4.42
N SER A 219 -9.53 -0.92 -5.10
CA SER A 219 -8.83 -2.19 -4.95
C SER A 219 -8.81 -2.90 -6.29
N SER A 220 -8.08 -4.02 -6.34
CA SER A 220 -8.05 -4.80 -7.57
C SER A 220 -9.36 -5.53 -7.81
N ARG A 221 -10.13 -5.81 -6.74
CA ARG A 221 -11.47 -6.37 -6.92
C ARG A 221 -12.37 -5.46 -7.74
N ASN A 222 -12.19 -4.15 -7.61
CA ASN A 222 -13.05 -3.19 -8.29
C ASN A 222 -12.79 -3.21 -9.78
N GLN A 223 -13.86 -3.42 -10.56
CA GLN A 223 -13.95 -3.55 -12.02
C GLN A 223 -14.63 -4.87 -12.34
N TYR A 224 -14.60 -5.80 -11.39
CA TYR A 224 -15.16 -7.12 -11.58
C TYR A 224 -16.33 -7.39 -10.64
N LEU A 225 -16.71 -6.43 -9.81
CA LEU A 225 -17.87 -6.54 -8.93
C LEU A 225 -19.04 -5.78 -9.54
N SER A 226 -20.25 -6.27 -9.29
CA SER A 226 -21.44 -5.57 -9.72
C SER A 226 -21.53 -4.22 -9.02
N GLN A 227 -22.30 -3.30 -9.62
CA GLN A 227 -22.46 -1.99 -9.02
C GLN A 227 -23.08 -2.08 -7.64
N GLU A 228 -24.09 -2.95 -7.48
CA GLU A 228 -24.68 -3.19 -6.18
C GLU A 228 -23.67 -3.78 -5.18
N MET A 229 -22.71 -4.56 -5.67
CA MET A 229 -21.67 -5.09 -4.79
C MET A 229 -20.82 -3.96 -4.22
N LYS A 230 -20.35 -3.06 -5.09
CA LYS A 230 -19.54 -1.94 -4.65
C LYS A 230 -20.34 -0.99 -3.77
N ASP A 231 -21.61 -0.76 -4.12
CA ASP A 231 -22.48 0.09 -3.32
C ASP A 231 -22.69 -0.47 -1.92
N LYS A 232 -22.85 -1.80 -1.79
CA LYS A 232 -22.98 -2.40 -0.47
C LYS A 232 -21.71 -2.19 0.35
N SER A 233 -20.54 -2.33 -0.28
CA SER A 233 -19.27 -2.27 0.45
C SER A 233 -18.92 -0.85 0.87
N SER A 234 -19.56 0.17 0.30
CA SER A 234 -19.25 1.55 0.66
C SER A 234 -19.68 1.91 2.07
N LEU A 235 -20.48 1.05 2.74
CA LEU A 235 -20.83 1.27 4.14
C LEU A 235 -19.58 1.33 5.02
N ILE A 236 -18.53 0.59 4.67
CA ILE A 236 -17.32 0.59 5.52
C ILE A 236 -16.75 2.00 5.66
N TYR A 237 -16.43 2.63 4.53
CA TYR A 237 -15.96 4.01 4.60
C TYR A 237 -16.99 4.90 5.28
N GLN A 238 -18.28 4.66 5.03
CA GLN A 238 -19.29 5.48 5.67
C GLN A 238 -19.24 5.36 7.20
N GLY A 239 -18.95 4.17 7.71
CA GLY A 239 -18.73 4.03 9.14
C GLY A 239 -17.53 4.85 9.62
N LEU A 240 -16.39 4.73 8.94
CA LEU A 240 -15.18 5.42 9.38
C LEU A 240 -15.37 6.94 9.35
N LYS A 241 -16.06 7.44 8.30
CA LYS A 241 -16.30 8.88 8.20
C LYS A 241 -17.09 9.41 9.38
N THR A 242 -18.02 8.61 9.93
CA THR A 242 -18.78 9.06 11.09
C THR A 242 -17.86 9.22 12.30
N GLY A 243 -16.94 8.29 12.52
CA GLY A 243 -15.98 8.46 13.59
C GLY A 243 -15.11 9.69 13.39
N GLU A 244 -14.73 9.96 12.14
CA GLU A 244 -13.93 11.15 11.86
C GLU A 244 -14.70 12.43 12.17
N ASN A 245 -15.97 12.50 11.75
CA ASN A 245 -16.76 13.68 12.01
C ASN A 245 -16.99 13.90 13.50
N TYR A 246 -17.05 12.82 14.28
CA TYR A 246 -17.17 12.95 15.71
C TYR A 246 -15.94 13.64 16.31
N TYR A 247 -14.75 13.13 15.97
CA TYR A 247 -13.52 13.68 16.52
C TYR A 247 -13.34 15.15 16.17
N LEU A 248 -13.77 15.54 14.97
CA LEU A 248 -13.59 16.93 14.53
C LEU A 248 -14.42 17.89 15.37
N ASN A 249 -15.65 17.52 15.70
CA ASN A 249 -16.54 18.40 16.46
C ASN A 249 -15.98 18.75 17.84
N HIS A 250 -15.08 17.93 18.37
CA HIS A 250 -14.58 18.10 19.74
C HIS A 250 -13.21 18.76 19.63
N SER A 251 -13.23 20.09 19.58
CA SER A 251 -12.01 20.89 19.47
C SER A 251 -12.22 22.27 20.11
N GLY A 255 -9.32 22.59 21.16
CA GLY A 255 -8.49 21.48 20.73
C GLY A 255 -8.20 20.50 21.84
N ASP A 256 -9.26 19.99 22.46
CA ASP A 256 -9.15 19.09 23.60
C ASP A 256 -9.14 17.64 23.13
N LYS A 257 -8.53 16.77 23.94
CA LYS A 257 -8.40 15.36 23.61
C LYS A 257 -9.77 14.70 23.54
N VAL A 258 -9.87 13.66 22.72
CA VAL A 258 -11.13 12.97 22.45
C VAL A 258 -10.94 11.49 22.75
N SER A 259 -11.92 10.90 23.44
CA SER A 259 -11.84 9.50 23.81
C SER A 259 -11.80 8.61 22.58
N ALA A 260 -10.78 7.76 22.49
CA ALA A 260 -10.67 6.85 21.35
C ALA A 260 -11.83 5.85 21.33
N ASN A 261 -12.21 5.32 22.50
CA ASN A 261 -13.31 4.36 22.53
C ASN A 261 -14.63 4.99 22.11
N GLU A 262 -14.84 6.26 22.43
CA GLU A 262 -16.05 6.95 21.98
C GLU A 262 -16.05 7.12 20.46
N ILE A 263 -14.87 7.28 19.85
CA ILE A 263 -14.80 7.33 18.40
C ILE A 263 -15.16 5.98 17.81
N LEU A 264 -14.67 4.89 18.42
CA LEU A 264 -15.01 3.55 17.95
C LEU A 264 -16.51 3.30 18.02
N GLN A 265 -17.19 3.86 19.03
CA GLN A 265 -18.62 3.64 19.17
C GLN A 265 -19.44 4.35 18.11
N GLN A 266 -18.86 5.29 17.37
CA GLN A 266 -19.56 5.90 16.26
C GLN A 266 -19.47 5.04 15.00
N ILE A 267 -18.37 4.30 14.85
CA ILE A 267 -18.10 3.54 13.63
C ILE A 267 -18.75 2.17 13.67
N LYS A 268 -18.52 1.40 14.72
CA LYS A 268 -18.94 0.00 14.75
C LYS A 268 -20.43 -0.20 14.48
N PRO A 269 -21.36 0.56 15.07
CA PRO A 269 -22.78 0.34 14.76
C PRO A 269 -23.12 0.55 13.29
N ILE A 270 -22.31 1.32 12.55
CA ILE A 270 -22.63 1.59 11.15
C ILE A 270 -22.14 0.46 10.26
N ILE A 271 -20.91 -0.01 10.48
CA ILE A 271 -20.45 -1.16 9.73
C ILE A 271 -21.22 -2.40 10.14
N SER A 272 -21.74 -2.44 11.37
CA SER A 272 -22.59 -3.54 11.82
C SER A 272 -23.97 -3.51 11.19
N SER A 273 -24.37 -2.39 10.58
CA SER A 273 -25.72 -2.26 10.04
C SER A 273 -26.02 -3.31 8.98
N ASP A 274 -24.99 -3.85 8.31
CA ASP A 274 -25.15 -4.92 7.36
C ASP A 274 -24.85 -6.23 8.06
N PRO A 275 -25.83 -7.13 8.23
CA PRO A 275 -25.55 -8.40 8.93
C PRO A 275 -24.57 -9.29 8.20
N ASP A 276 -24.33 -9.06 6.90
CA ASP A 276 -23.43 -9.92 6.14
C ASP A 276 -21.96 -9.62 6.38
N PHE A 277 -21.64 -8.48 6.99
CA PHE A 277 -20.25 -8.09 7.19
C PHE A 277 -19.74 -8.69 8.50
N ASP A 278 -18.51 -9.21 8.47
CA ASP A 278 -17.83 -9.75 9.65
C ASP A 278 -16.63 -8.84 9.95
N ILE A 279 -16.74 -8.04 11.01
CA ILE A 279 -15.69 -7.09 11.34
C ILE A 279 -14.55 -7.82 12.05
N GLU A 280 -13.35 -7.78 11.46
CA GLU A 280 -12.21 -8.43 12.08
C GLU A 280 -11.62 -7.57 13.19
N TYR A 281 -11.50 -6.27 12.97
CA TYR A 281 -11.06 -5.34 14.00
C TYR A 281 -11.45 -3.92 13.59
N ILE A 282 -11.49 -3.04 14.59
CA ILE A 282 -11.48 -1.58 14.38
C ILE A 282 -10.54 -1.01 15.42
N ALA A 283 -9.51 -0.28 14.98
CA ALA A 283 -8.44 0.14 15.89
C ALA A 283 -8.24 1.64 15.83
N VAL A 284 -7.82 2.22 16.96
CA VAL A 284 -7.39 3.61 17.03
C VAL A 284 -5.93 3.60 17.47
N SER A 285 -5.03 3.94 16.55
CA SER A 285 -3.62 3.61 16.71
C SER A 285 -2.74 4.85 16.59
N HIS A 286 -1.66 4.85 17.36
CA HIS A 286 -0.68 5.92 17.29
C HIS A 286 -0.04 5.93 15.90
N PRO A 287 0.07 7.09 15.24
CA PRO A 287 0.53 7.10 13.86
C PRO A 287 1.99 6.70 13.66
N GLU A 288 2.79 6.60 14.70
CA GLU A 288 4.18 6.19 14.53
C GLU A 288 4.51 4.85 15.17
N THR A 289 3.92 4.52 16.31
CA THR A 289 4.18 3.27 17.01
C THR A 289 3.09 2.23 16.83
N LEU A 290 1.91 2.61 16.32
CA LEU A 290 0.76 1.72 16.12
C LEU A 290 0.26 1.10 17.43
N GLU A 291 0.61 1.68 18.58
CA GLU A 291 0.02 1.21 19.81
C GLU A 291 -1.37 1.81 20.00
N ASP A 292 -2.26 1.03 20.62
CA ASP A 292 -3.63 1.47 20.87
C ASP A 292 -3.64 2.77 21.68
N LEU A 293 -4.53 3.67 21.28
CA LEU A 293 -4.70 4.94 21.98
C LEU A 293 -5.95 4.92 22.83
N ASP A 294 -5.87 5.55 24.01
CA ASP A 294 -7.05 5.83 24.82
C ASP A 294 -7.68 7.17 24.45
N TYR A 295 -6.86 8.10 23.96
CA TYR A 295 -7.33 9.42 23.54
C TYR A 295 -6.59 9.81 22.27
N VAL A 296 -7.27 10.53 21.39
CA VAL A 296 -6.68 11.10 20.19
C VAL A 296 -6.44 12.58 20.47
N VAL A 297 -5.18 13.00 20.42
CA VAL A 297 -4.77 14.35 20.80
C VAL A 297 -4.52 15.14 19.52
N PRO A 298 -5.14 16.31 19.34
CA PRO A 298 -4.81 17.16 18.21
C PRO A 298 -3.33 17.56 18.28
N GLY A 299 -2.65 17.47 17.13
CA GLY A 299 -1.22 17.62 17.06
C GLY A 299 -0.47 16.31 16.90
N THR A 300 -1.06 15.21 17.39
CA THR A 300 -0.54 13.87 17.17
C THR A 300 -1.47 13.05 16.30
N GLY A 301 -2.76 12.99 16.63
CA GLY A 301 -3.73 12.31 15.81
C GLY A 301 -3.66 10.81 15.96
N ALA A 302 -4.28 10.13 15.01
CA ALA A 302 -4.39 8.68 15.08
C ALA A 302 -4.70 8.11 13.70
N ILE A 303 -4.34 6.85 13.53
CA ILE A 303 -4.78 6.03 12.41
C ILE A 303 -5.99 5.22 12.89
N VAL A 304 -7.14 5.39 12.24
CA VAL A 304 -8.34 4.61 12.57
C VAL A 304 -8.59 3.64 11.42
N SER A 305 -8.34 2.34 11.66
CA SER A 305 -8.33 1.36 10.58
C SER A 305 -9.23 0.18 10.90
N THR A 306 -9.61 -0.54 9.85
CA THR A 306 -10.51 -1.68 9.99
C THR A 306 -10.23 -2.69 8.88
N ALA A 307 -10.60 -3.94 9.16
CA ALA A 307 -10.62 -5.04 8.20
C ALA A 307 -11.95 -5.75 8.33
N VAL A 308 -12.68 -5.88 7.22
CA VAL A 308 -14.06 -6.39 7.25
C VAL A 308 -14.23 -7.45 6.16
N LYS A 309 -14.84 -8.57 6.53
CA LYS A 309 -15.18 -9.63 5.57
C LYS A 309 -16.56 -9.37 4.98
N VAL A 310 -16.64 -9.29 3.66
CA VAL A 310 -17.91 -9.05 2.97
C VAL A 310 -18.16 -10.19 1.97
N PRO A 311 -19.41 -10.52 1.65
CA PRO A 311 -19.65 -11.61 0.70
C PRO A 311 -19.13 -11.28 -0.69
N LYS A 312 -18.70 -12.31 -1.40
CA LYS A 312 -17.94 -12.12 -2.64
C LYS A 312 -18.85 -12.13 -3.87
N GLU A 313 -19.52 -13.26 -4.13
CA GLU A 313 -20.40 -13.38 -5.28
C GLU A 313 -21.38 -14.53 -5.07
N ASN A 314 -20.89 -15.65 -4.54
CA ASN A 314 -21.71 -16.81 -4.25
C ASN A 314 -20.96 -17.69 -3.25
N SER A 315 -21.57 -18.82 -2.90
CA SER A 315 -21.02 -19.78 -1.93
C SER A 315 -20.81 -19.04 -0.60
N ASP A 316 -19.77 -19.43 0.15
CA ASP A 316 -19.42 -18.77 1.39
C ASP A 316 -18.13 -17.97 1.28
N GLU A 317 -17.48 -17.98 0.11
CA GLU A 317 -16.28 -17.19 -0.08
C GLU A 317 -16.55 -15.72 0.21
N LYS A 318 -15.66 -15.09 0.97
CA LYS A 318 -15.81 -13.70 1.34
C LYS A 318 -14.53 -12.94 1.05
N ALA A 319 -14.68 -11.69 0.63
CA ALA A 319 -13.55 -10.82 0.36
C ALA A 319 -13.19 -10.04 1.61
N ARG A 320 -11.89 -9.94 1.88
CA ARG A 320 -11.38 -9.20 3.03
C ARG A 320 -11.00 -7.80 2.55
N LEU A 321 -11.74 -6.79 3.01
CA LEU A 321 -11.49 -5.40 2.67
C LEU A 321 -10.86 -4.68 3.85
N ILE A 322 -9.93 -3.78 3.58
CA ILE A 322 -9.36 -2.91 4.61
C ILE A 322 -9.55 -1.46 4.17
N ASP A 323 -9.65 -0.58 5.15
CA ASP A 323 -9.76 0.86 4.92
C ASP A 323 -9.41 1.55 6.22
N ASN A 324 -9.29 2.88 6.15
CA ASN A 324 -8.90 3.65 7.33
C ASN A 324 -9.16 5.11 7.05
N ILE A 325 -9.10 5.92 8.13
CA ILE A 325 -9.06 7.37 8.02
C ILE A 325 -8.05 7.89 9.03
N ILE A 326 -7.40 9.01 8.68
CA ILE A 326 -6.34 9.61 9.47
C ILE A 326 -6.90 10.80 10.24
N LEU A 327 -6.67 10.81 11.55
CA LEU A 327 -7.01 11.95 12.39
C LEU A 327 -5.74 12.74 12.69
N HIS A 328 -5.88 14.07 12.78
CA HIS A 328 -4.73 14.95 12.95
C HIS A 328 -4.76 15.73 14.27
C1 PEG B . 20.64 8.92 -4.14
O1 PEG B . 21.59 9.97 -4.07
C2 PEG B . 19.98 8.75 -2.80
O2 PEG B . 18.82 7.94 -2.91
C3 PEG B . 18.81 6.89 -1.99
C4 PEG B . 19.58 5.75 -2.57
O4 PEG B . 19.52 4.60 -1.74
N1 EPE C . -4.37 0.35 -2.85
C2 EPE C . -5.39 1.26 -3.34
C3 EPE C . -4.82 2.25 -4.33
N4 EPE C . -3.68 2.91 -3.72
C5 EPE C . -2.59 2.00 -3.50
C6 EPE C . -3.04 0.87 -2.57
C7 EPE C . -3.27 4.11 -4.41
C8 EPE C . -3.94 5.31 -3.74
O8 EPE C . -5.32 5.03 -3.59
C9 EPE C . -4.24 -0.69 -3.86
C10 EPE C . -5.45 -1.61 -3.77
S EPE C . -4.83 -3.29 -3.92
O1S EPE C . -3.59 -3.48 -3.08
O2S EPE C . -4.28 -3.54 -5.31
O3S EPE C . -5.90 -4.29 -3.55
C1 MPD D . 2.03 -2.97 -3.32
C2 MPD D . 3.28 -3.38 -2.56
O2 MPD D . 3.71 -2.24 -1.84
CM MPD D . 2.91 -4.51 -1.58
C3 MPD D . 4.36 -3.78 -3.58
C4 MPD D . 5.73 -4.19 -3.07
O4 MPD D . 6.07 -3.34 -1.96
C5 MPD D . 5.82 -5.68 -2.73
S SO4 E . 9.34 -19.35 -5.02
O1 SO4 E . 8.75 -20.62 -5.60
O2 SO4 E . 8.52 -18.17 -5.46
O3 SO4 E . 9.36 -19.45 -3.52
O4 SO4 E . 10.75 -19.18 -5.52
S SO4 F . 18.53 15.73 -7.49
O1 SO4 F . 20.01 15.95 -7.61
O2 SO4 F . 17.85 16.16 -8.76
O3 SO4 F . 18.27 14.27 -7.26
O4 SO4 F . 17.97 16.52 -6.33
#